data_2CZP
#
_entry.id   2CZP
#
_entity_poly.entity_id   1
_entity_poly.type   'polypeptide(L)'
_entity_poly.pdbx_seq_one_letter_code
;INWKGIAAMAKKLL(NH2)
;
_entity_poly.pdbx_strand_id   A
#
loop_
_chem_comp.id
_chem_comp.type
_chem_comp.name
_chem_comp.formula
NH2 non-polymer 'AMINO GROUP' 'H2 N'
#
# COMPACT_ATOMS: atom_id res chain seq x y z
N ILE A 1 5.51 -2.92 9.39
CA ILE A 1 5.25 -2.55 8.01
C ILE A 1 4.82 -3.79 7.22
N ASN A 2 3.55 -3.81 6.86
CA ASN A 2 3.00 -4.92 6.10
C ASN A 2 3.11 -4.62 4.60
N TRP A 3 3.68 -5.57 3.88
CA TRP A 3 3.86 -5.42 2.45
C TRP A 3 2.49 -5.11 1.84
N LYS A 4 1.51 -5.92 2.21
CA LYS A 4 0.16 -5.75 1.71
C LYS A 4 -0.29 -4.31 1.97
N GLY A 5 0.00 -3.84 3.18
CA GLY A 5 -0.38 -2.49 3.57
C GLY A 5 0.26 -1.46 2.63
N ILE A 6 1.52 -1.69 2.31
CA ILE A 6 2.24 -0.79 1.43
C ILE A 6 1.61 -0.83 0.03
N ALA A 7 1.43 -2.05 -0.46
CA ALA A 7 0.84 -2.24 -1.78
C ALA A 7 -0.49 -1.48 -1.84
N ALA A 8 -1.28 -1.63 -0.79
CA ALA A 8 -2.57 -0.97 -0.72
C ALA A 8 -2.36 0.54 -0.64
N MET A 9 -1.30 0.93 0.05
CA MET A 9 -0.97 2.33 0.21
C MET A 9 -0.46 2.93 -1.11
N ALA A 10 0.29 2.11 -1.84
CA ALA A 10 0.85 2.54 -3.10
C ALA A 10 -0.28 2.89 -4.06
N LYS A 11 -1.30 2.04 -4.06
CA LYS A 11 -2.46 2.24 -4.92
C LYS A 11 -3.35 3.33 -4.33
N LYS A 12 -3.30 3.43 -3.01
CA LYS A 12 -4.10 4.42 -2.31
C LYS A 12 -3.88 5.79 -2.95
N LEU A 13 -2.62 6.13 -3.15
CA LEU A 13 -2.26 7.40 -3.75
C LEU A 13 -2.71 7.41 -5.21
N LEU A 14 -2.78 6.21 -5.78
CA LEU A 14 -3.19 6.07 -7.17
C LEU A 14 -4.70 6.30 -7.28
N NH2 A 15 -5.43 5.65 -6.39
HN1 NH2 A 15 -4.98 5.05 -5.71
HN2 NH2 A 15 -6.42 5.73 -6.40
N ILE A 1 6.05 -4.04 8.97
CA ILE A 1 5.72 -3.45 7.69
C ILE A 1 5.07 -4.50 6.78
N ASN A 2 3.80 -4.30 6.51
CA ASN A 2 3.06 -5.23 5.66
C ASN A 2 3.13 -4.76 4.21
N TRP A 3 3.66 -5.64 3.37
CA TRP A 3 3.80 -5.33 1.95
C TRP A 3 2.41 -4.96 1.41
N LYS A 4 1.44 -5.80 1.75
CA LYS A 4 0.07 -5.57 1.32
C LYS A 4 -0.46 -4.28 1.95
N GLY A 5 -0.03 -4.05 3.19
CA GLY A 5 -0.45 -2.86 3.92
C GLY A 5 0.03 -1.59 3.22
N ILE A 6 1.35 -1.52 3.04
CA ILE A 6 1.96 -0.38 2.39
C ILE A 6 1.54 -0.34 0.92
N ALA A 7 1.45 -1.52 0.33
CA ALA A 7 1.06 -1.64 -1.06
C ALA A 7 -0.29 -0.97 -1.27
N ALA A 8 -1.20 -1.21 -0.33
CA ALA A 8 -2.52 -0.64 -0.40
C ALA A 8 -2.41 0.90 -0.41
N MET A 9 -1.55 1.40 0.46
CA MET A 9 -1.35 2.84 0.56
C MET A 9 -0.79 3.40 -0.76
N ALA A 10 0.21 2.70 -1.28
CA ALA A 10 0.84 3.12 -2.53
C ALA A 10 -0.21 3.12 -3.64
N LYS A 11 -1.17 2.23 -3.51
CA LYS A 11 -2.24 2.12 -4.50
C LYS A 11 -3.26 3.24 -4.27
N LYS A 12 -3.37 3.66 -3.02
CA LYS A 12 -4.29 4.71 -2.65
C LYS A 12 -4.08 5.90 -3.58
N LEU A 13 -2.82 6.28 -3.75
CA LEU A 13 -2.48 7.40 -4.60
C LEU A 13 -2.76 7.03 -6.06
N LEU A 14 -2.71 5.73 -6.32
CA LEU A 14 -2.96 5.23 -7.66
C LEU A 14 -4.46 5.31 -7.96
N NH2 A 15 -5.24 4.81 -7.01
HN1 NH2 A 15 -4.83 4.44 -6.18
HN2 NH2 A 15 -6.23 4.82 -7.12
N ILE A 1 5.89 -3.03 9.11
CA ILE A 1 5.34 -2.53 7.86
C ILE A 1 4.99 -3.72 6.95
N ASN A 2 3.69 -3.94 6.79
CA ASN A 2 3.21 -5.03 5.96
C ASN A 2 3.37 -4.65 4.48
N TRP A 3 3.98 -5.56 3.73
CA TRP A 3 4.20 -5.33 2.31
C TRP A 3 2.83 -5.14 1.66
N LYS A 4 1.95 -6.10 1.91
CA LYS A 4 0.61 -6.06 1.34
C LYS A 4 -0.09 -4.77 1.80
N GLY A 5 0.21 -4.38 3.03
CA GLY A 5 -0.39 -3.19 3.60
C GLY A 5 -0.01 -1.95 2.77
N ILE A 6 1.29 -1.75 2.62
CA ILE A 6 1.80 -0.63 1.87
C ILE A 6 1.23 -0.68 0.44
N ALA A 7 0.99 -1.89 -0.02
CA ALA A 7 0.45 -2.10 -1.35
C ALA A 7 -0.89 -1.35 -1.49
N ALA A 8 -1.64 -1.36 -0.39
CA ALA A 8 -2.94 -0.70 -0.37
C ALA A 8 -2.72 0.82 -0.38
N MET A 9 -1.72 1.25 0.37
CA MET A 9 -1.40 2.67 0.45
C MET A 9 -0.74 3.15 -0.84
N ALA A 10 0.01 2.26 -1.46
CA ALA A 10 0.69 2.59 -2.70
C ALA A 10 -0.35 2.86 -3.79
N LYS A 11 -1.41 2.07 -3.76
CA LYS A 11 -2.47 2.22 -4.74
C LYS A 11 -3.34 3.42 -4.37
N LYS A 12 -3.42 3.67 -3.07
CA LYS A 12 -4.21 4.79 -2.57
C LYS A 12 -3.85 6.05 -3.34
N LEU A 13 -2.55 6.29 -3.45
CA LEU A 13 -2.06 7.46 -4.15
C LEU A 13 -2.38 7.32 -5.65
N LEU A 14 -2.49 6.07 -6.08
CA LEU A 14 -2.79 5.79 -7.48
C LEU A 14 -4.26 6.08 -7.74
N NH2 A 15 -5.11 5.59 -6.84
HN1 NH2 A 15 -4.75 5.08 -6.05
HN2 NH2 A 15 -6.09 5.74 -6.94
N ILE A 1 6.48 -3.49 8.47
CA ILE A 1 5.33 -2.98 7.73
C ILE A 1 4.79 -4.10 6.83
N ASN A 2 3.48 -4.17 6.75
CA ASN A 2 2.82 -5.17 5.93
C ASN A 2 2.95 -4.78 4.45
N TRP A 3 3.38 -5.74 3.66
CA TRP A 3 3.55 -5.51 2.23
C TRP A 3 2.21 -5.04 1.67
N LYS A 4 1.18 -5.80 1.98
CA LYS A 4 -0.17 -5.48 1.50
C LYS A 4 -0.50 -4.04 1.89
N GLY A 5 -0.16 -3.69 3.13
CA GLY A 5 -0.41 -2.35 3.63
C GLY A 5 0.26 -1.31 2.75
N ILE A 6 1.56 -1.48 2.56
CA ILE A 6 2.33 -0.55 1.75
C ILE A 6 1.74 -0.50 0.34
N ALA A 7 1.59 -1.67 -0.26
CA ALA A 7 1.03 -1.77 -1.59
C ALA A 7 -0.30 -1.01 -1.64
N ALA A 8 -1.14 -1.31 -0.67
CA ALA A 8 -2.45 -0.67 -0.58
C ALA A 8 -2.27 0.84 -0.48
N MET A 9 -1.36 1.23 0.39
CA MET A 9 -1.07 2.65 0.60
C MET A 9 -0.58 3.30 -0.68
N ALA A 10 0.30 2.58 -1.38
CA ALA A 10 0.84 3.08 -2.63
C ALA A 10 -0.25 3.13 -3.69
N LYS A 11 -1.09 2.09 -3.67
CA LYS A 11 -2.19 2.00 -4.62
C LYS A 11 -3.32 2.93 -4.18
N LYS A 12 -3.23 3.37 -2.93
CA LYS A 12 -4.23 4.26 -2.38
C LYS A 12 -4.22 5.58 -3.15
N LEU A 13 -3.02 6.12 -3.31
CA LEU A 13 -2.86 7.38 -4.02
C LEU A 13 -2.98 7.14 -5.53
N LEU A 14 -2.66 5.91 -5.92
CA LEU A 14 -2.73 5.53 -7.32
C LEU A 14 -4.20 5.36 -7.72
N NH2 A 15 -4.94 4.69 -6.84
HN1 NH2 A 15 -4.53 4.35 -6.00
HN2 NH2 A 15 -5.91 4.53 -7.03
N ILE A 1 5.20 -2.14 9.27
CA ILE A 1 5.32 -2.17 7.82
C ILE A 1 4.73 -3.48 7.30
N ASN A 2 3.59 -3.34 6.63
CA ASN A 2 2.91 -4.51 6.07
C ASN A 2 3.02 -4.47 4.55
N TRP A 3 3.51 -5.57 3.99
CA TRP A 3 3.67 -5.68 2.55
C TRP A 3 2.34 -5.28 1.90
N LYS A 4 1.28 -5.93 2.36
CA LYS A 4 -0.04 -5.68 1.83
C LYS A 4 -0.36 -4.19 1.99
N GLY A 5 -0.02 -3.66 3.16
CA GLY A 5 -0.27 -2.26 3.45
C GLY A 5 0.42 -1.36 2.41
N ILE A 6 1.69 -1.66 2.17
CA ILE A 6 2.46 -0.88 1.21
C ILE A 6 1.78 -0.95 -0.16
N ALA A 7 1.58 -2.17 -0.63
CA ALA A 7 0.93 -2.38 -1.91
C ALA A 7 -0.37 -1.59 -1.97
N ALA A 8 -1.17 -1.75 -0.91
CA ALA A 8 -2.44 -1.06 -0.83
C ALA A 8 -2.21 0.45 -0.87
N MET A 9 -1.22 0.89 -0.11
CA MET A 9 -0.88 2.30 -0.06
C MET A 9 -0.55 2.85 -1.45
N ALA A 10 0.33 2.11 -2.14
CA ALA A 10 0.73 2.51 -3.48
C ALA A 10 -0.50 2.60 -4.38
N LYS A 11 -1.50 1.80 -4.04
CA LYS A 11 -2.74 1.79 -4.80
C LYS A 11 -3.58 3.01 -4.42
N LYS A 12 -3.95 3.06 -3.15
CA LYS A 12 -4.76 4.17 -2.65
C LYS A 12 -4.06 5.49 -2.98
N LEU A 13 -2.78 5.54 -2.65
CA LEU A 13 -1.99 6.73 -2.91
C LEU A 13 -2.32 7.28 -4.30
N LEU A 14 -2.40 6.37 -5.25
CA LEU A 14 -2.71 6.73 -6.62
C LEU A 14 -4.21 6.97 -6.76
N NH2 A 15 -4.97 6.02 -6.24
HN1 NH2 A 15 -4.56 5.23 -5.80
HN2 NH2 A 15 -5.97 6.11 -6.28
N ILE A 1 6.22 -3.19 8.72
CA ILE A 1 5.47 -2.66 7.59
C ILE A 1 4.96 -3.81 6.72
N ASN A 2 3.65 -3.97 6.72
CA ASN A 2 3.03 -5.03 5.93
C ASN A 2 3.05 -4.63 4.46
N TRP A 3 3.54 -5.56 3.64
CA TRP A 3 3.61 -5.32 2.21
C TRP A 3 2.22 -4.94 1.72
N LYS A 4 1.24 -5.73 2.12
CA LYS A 4 -0.13 -5.49 1.73
C LYS A 4 -0.52 -4.07 2.12
N GLY A 5 -0.05 -3.66 3.29
CA GLY A 5 -0.34 -2.33 3.79
C GLY A 5 0.23 -1.25 2.88
N ILE A 6 1.53 -1.34 2.64
CA ILE A 6 2.21 -0.39 1.78
C ILE A 6 1.65 -0.52 0.35
N ALA A 7 1.51 -1.77 -0.08
CA ALA A 7 0.99 -2.02 -1.42
C ALA A 7 -0.36 -1.33 -1.58
N ALA A 8 -1.22 -1.52 -0.60
CA ALA A 8 -2.54 -0.90 -0.63
C ALA A 8 -2.40 0.61 -0.73
N MET A 9 -1.50 1.14 0.09
CA MET A 9 -1.25 2.57 0.09
C MET A 9 -0.76 3.05 -1.27
N ALA A 10 0.24 2.36 -1.79
CA ALA A 10 0.80 2.71 -3.09
C ALA A 10 -0.31 2.67 -4.15
N LYS A 11 -1.29 1.81 -3.90
CA LYS A 11 -2.40 1.66 -4.82
C LYS A 11 -3.38 2.82 -4.62
N LYS A 12 -3.91 2.91 -3.41
CA LYS A 12 -4.86 3.98 -3.09
C LYS A 12 -4.22 5.33 -3.39
N LEU A 13 -3.00 5.50 -2.92
CA LEU A 13 -2.27 6.73 -3.13
C LEU A 13 -2.46 7.18 -4.58
N LEU A 14 -2.32 6.22 -5.48
CA LEU A 14 -2.47 6.50 -6.90
C LEU A 14 -3.95 6.61 -7.24
N NH2 A 15 -4.71 5.63 -6.77
HN1 NH2 A 15 -4.30 4.89 -6.24
HN2 NH2 A 15 -5.70 5.63 -6.95
N ILE A 1 6.45 -3.49 8.87
CA ILE A 1 5.56 -2.88 7.89
C ILE A 1 4.94 -3.98 7.02
N ASN A 2 3.62 -3.94 6.93
CA ASN A 2 2.89 -4.91 6.14
C ASN A 2 3.04 -4.59 4.66
N TRP A 3 3.44 -5.60 3.90
CA TRP A 3 3.62 -5.43 2.47
C TRP A 3 2.28 -4.99 1.86
N LYS A 4 1.24 -5.75 2.21
CA LYS A 4 -0.09 -5.45 1.71
C LYS A 4 -0.47 -4.02 2.08
N GLY A 5 -0.03 -3.61 3.27
CA GLY A 5 -0.30 -2.28 3.75
C GLY A 5 0.26 -1.22 2.79
N ILE A 6 1.56 -1.31 2.56
CA ILE A 6 2.23 -0.38 1.68
C ILE A 6 1.69 -0.55 0.26
N ALA A 7 1.60 -1.80 -0.16
CA ALA A 7 1.11 -2.11 -1.49
C ALA A 7 -0.24 -1.40 -1.70
N ALA A 8 -1.11 -1.57 -0.72
CA ALA A 8 -2.43 -0.95 -0.79
C ALA A 8 -2.28 0.56 -0.89
N MET A 9 -1.40 1.10 -0.05
CA MET A 9 -1.15 2.52 -0.04
C MET A 9 -0.73 3.02 -1.42
N ALA A 10 0.25 2.34 -1.99
CA ALA A 10 0.74 2.70 -3.30
C ALA A 10 -0.41 2.69 -4.31
N LYS A 11 -1.39 1.85 -4.02
CA LYS A 11 -2.55 1.73 -4.88
C LYS A 11 -3.49 2.90 -4.63
N LYS A 12 -3.97 2.98 -3.40
CA LYS A 12 -4.89 4.05 -3.01
C LYS A 12 -4.24 5.39 -3.34
N LEU A 13 -3.00 5.54 -2.91
CA LEU A 13 -2.26 6.78 -3.14
C LEU A 13 -2.50 7.24 -4.58
N LEU A 14 -2.43 6.29 -5.50
CA LEU A 14 -2.63 6.60 -6.90
C LEU A 14 -4.14 6.73 -7.17
N NH2 A 15 -4.89 5.76 -6.68
HN1 NH2 A 15 -4.46 5.01 -6.17
HN2 NH2 A 15 -5.88 5.77 -6.81
N ILE A 1 5.92 -3.59 9.14
CA ILE A 1 5.53 -3.03 7.86
C ILE A 1 5.18 -4.16 6.91
N ASN A 2 3.89 -4.26 6.62
CA ASN A 2 3.40 -5.29 5.71
C ASN A 2 3.32 -4.74 4.29
N TRP A 3 3.95 -5.46 3.37
CA TRP A 3 3.96 -5.04 1.98
C TRP A 3 2.51 -4.88 1.52
N LYS A 4 1.68 -5.80 1.96
CA LYS A 4 0.27 -5.77 1.60
C LYS A 4 -0.37 -4.50 2.16
N GLY A 5 0.08 -4.13 3.35
CA GLY A 5 -0.44 -2.93 4.00
C GLY A 5 -0.02 -1.67 3.24
N ILE A 6 1.27 -1.52 3.07
CA ILE A 6 1.81 -0.37 2.36
C ILE A 6 1.38 -0.43 0.89
N ALA A 7 1.21 -1.65 0.41
CA ALA A 7 0.80 -1.87 -0.96
C ALA A 7 -0.50 -1.10 -1.23
N ALA A 8 -1.39 -1.18 -0.26
CA ALA A 8 -2.68 -0.50 -0.37
C ALA A 8 -2.44 0.99 -0.64
N MET A 9 -1.52 1.55 0.12
CA MET A 9 -1.19 2.95 -0.02
C MET A 9 -0.75 3.27 -1.45
N ALA A 10 0.18 2.48 -1.95
CA ALA A 10 0.68 2.66 -3.29
C ALA A 10 -0.47 2.59 -4.29
N LYS A 11 -1.50 1.85 -3.91
CA LYS A 11 -2.67 1.70 -4.75
C LYS A 11 -3.55 2.95 -4.63
N LYS A 12 -4.01 3.18 -3.41
CA LYS A 12 -4.86 4.34 -3.14
C LYS A 12 -4.14 5.61 -3.62
N LEU A 13 -2.89 5.73 -3.22
CA LEU A 13 -2.09 6.88 -3.59
C LEU A 13 -2.33 7.20 -5.07
N LEU A 14 -2.31 6.14 -5.87
CA LEU A 14 -2.52 6.30 -7.31
C LEU A 14 -4.01 6.48 -7.58
N NH2 A 15 -4.81 5.60 -6.98
HN1 NH2 A 15 -4.41 4.89 -6.40
HN2 NH2 A 15 -5.80 5.65 -7.11
N ILE A 1 6.29 -2.94 8.95
CA ILE A 1 5.31 -2.44 8.00
C ILE A 1 4.75 -3.62 7.20
N ASN A 2 3.43 -3.62 7.05
CA ASN A 2 2.76 -4.68 6.33
C ASN A 2 2.97 -4.47 4.82
N TRP A 3 3.44 -5.52 4.17
CA TRP A 3 3.69 -5.47 2.74
C TRP A 3 2.38 -5.12 2.04
N LYS A 4 1.34 -5.86 2.41
CA LYS A 4 0.03 -5.63 1.82
C LYS A 4 -0.35 -4.16 1.97
N GLY A 5 -0.01 -3.62 3.13
CA GLY A 5 -0.31 -2.23 3.43
C GLY A 5 0.35 -1.30 2.40
N ILE A 6 1.64 -1.53 2.18
CA ILE A 6 2.40 -0.73 1.24
C ILE A 6 1.75 -0.83 -0.14
N ALA A 7 1.59 -2.07 -0.59
CA ALA A 7 0.98 -2.31 -1.89
C ALA A 7 -0.34 -1.56 -1.99
N ALA A 8 -1.15 -1.71 -0.93
CA ALA A 8 -2.45 -1.06 -0.89
C ALA A 8 -2.25 0.46 -0.93
N MET A 9 -1.29 0.92 -0.14
CA MET A 9 -1.00 2.35 -0.07
C MET A 9 -0.63 2.89 -1.46
N ALA A 10 0.29 2.19 -2.12
CA ALA A 10 0.72 2.59 -3.45
C ALA A 10 -0.48 2.66 -4.38
N LYS A 11 -1.48 1.84 -4.07
CA LYS A 11 -2.69 1.81 -4.86
C LYS A 11 -3.57 3.01 -4.52
N LYS A 12 -3.97 3.05 -3.26
CA LYS A 12 -4.82 4.14 -2.77
C LYS A 12 -4.14 5.47 -3.09
N LEU A 13 -2.87 5.55 -2.73
CA LEU A 13 -2.10 6.76 -2.96
C LEU A 13 -2.41 7.30 -4.37
N LEU A 14 -2.41 6.38 -5.32
CA LEU A 14 -2.69 6.75 -6.70
C LEU A 14 -4.20 6.93 -6.88
N NH2 A 15 -4.94 5.96 -6.38
HN1 NH2 A 15 -4.51 5.18 -5.92
HN2 NH2 A 15 -5.95 6.01 -6.45
N ILE A 1 6.51 -3.90 9.05
CA ILE A 1 5.49 -3.20 8.28
C ILE A 1 4.76 -4.20 7.37
N ASN A 2 3.47 -4.01 7.26
CA ASN A 2 2.65 -4.89 6.44
C ASN A 2 2.87 -4.54 4.97
N TRP A 3 3.56 -5.44 4.28
CA TRP A 3 3.85 -5.24 2.87
C TRP A 3 2.53 -4.94 2.16
N LYS A 4 1.52 -5.72 2.50
CA LYS A 4 0.20 -5.55 1.91
C LYS A 4 -0.24 -4.09 2.06
N GLY A 5 0.11 -3.52 3.20
CA GLY A 5 -0.24 -2.13 3.48
C GLY A 5 0.38 -1.19 2.45
N ILE A 6 1.68 -1.37 2.23
CA ILE A 6 2.40 -0.54 1.27
C ILE A 6 1.74 -0.67 -0.10
N ALA A 7 1.57 -1.92 -0.52
CA ALA A 7 0.96 -2.19 -1.81
C ALA A 7 -0.37 -1.43 -1.91
N ALA A 8 -1.18 -1.57 -0.86
CA ALA A 8 -2.47 -0.92 -0.82
C ALA A 8 -2.27 0.59 -0.93
N MET A 9 -1.31 1.09 -0.16
CA MET A 9 -1.01 2.51 -0.15
C MET A 9 -0.67 3.00 -1.56
N ALA A 10 0.25 2.29 -2.20
CA ALA A 10 0.67 2.64 -3.54
C ALA A 10 -0.55 2.67 -4.47
N LYS A 11 -1.54 1.86 -4.12
CA LYS A 11 -2.76 1.79 -4.90
C LYS A 11 -3.64 3.01 -4.58
N LYS A 12 -4.03 3.08 -3.32
CA LYS A 12 -4.87 4.18 -2.86
C LYS A 12 -4.21 5.51 -3.24
N LEU A 13 -2.93 5.62 -2.90
CA LEU A 13 -2.17 6.81 -3.18
C LEU A 13 -2.50 7.30 -4.60
N LEU A 14 -2.51 6.36 -5.53
CA LEU A 14 -2.81 6.67 -6.91
C LEU A 14 -4.32 6.84 -7.07
N NH2 A 15 -5.05 5.89 -6.53
HN1 NH2 A 15 -4.62 5.13 -6.05
HN2 NH2 A 15 -6.05 5.92 -6.59
#